data_7G9I
#
_entry.id   7G9I
#
_cell.length_a   70.675
_cell.length_b   70.675
_cell.length_c   195.449
_cell.angle_alpha   90.000
_cell.angle_beta   90.000
_cell.angle_gamma   90.000
#
_symmetry.space_group_name_H-M   'P 43 21 2'
#
loop_
_entity.id
_entity.type
_entity.pdbx_description
1 polymer 'Transforming protein RhoA'
2 polymer 'Rho guanine nucleotide exchange factor 2'
3 non-polymer N-[(2-methylphenyl)methyl]acetamide
4 non-polymer 'DIMETHYL SULFOXIDE'
5 non-polymer 'FORMIC ACID'
6 water water
#
loop_
_entity_poly.entity_id
_entity_poly.type
_entity_poly.pdbx_seq_one_letter_code
_entity_poly.pdbx_strand_id
1 'polypeptide(L)'
;SMAAIRKKLVIVGDGACGKTCLLIVFSKDQFPEVYVPTVFENYVADIEVDGKQVELALWDTAGQEDYDRLRPLSYPDTDV
ILMCFSIDSPDSLENIPEKWTPEVKHFCPNVPIILVGNKKDLRNDEHTRRELAKMKQEPVKPEEGRDMANRIGAFGYMEC
SAKTKDGVREVFEMATRAALQARRG
;
A
2 'polypeptide(L)'
;SMEMDEKDFAADSWSLAVDSSFLQQHKKEVMKQQDVIYELIQTELHHVRTLKIMTRLFRTGMLEELHLEPGVVQGLFPCV
DELSDIHTRFLSQLLERRRQALCPGSTRNFVIHRLGDLLISQFSGPSAEQMCKTYSEFCSRHSKALKLYKELYARDKRFQ
QFIRKVTRPAVLKRHGVQECILLVTQRITKYPLLISRILQHSHGIEEERQDLTTALGLVKELLSNVDEGIYQLEKGARLQ
EIYNR
;
B
#
# COMPACT_ATOMS: atom_id res chain seq x y z
N ALA A 4 -19.35 -16.63 -3.28
CA ALA A 4 -18.15 -15.76 -3.28
C ALA A 4 -17.61 -15.56 -1.84
N ILE A 5 -16.58 -16.33 -1.50
CA ILE A 5 -15.98 -16.26 -0.17
C ILE A 5 -14.81 -15.25 -0.15
N ARG A 6 -14.49 -14.64 1.01
CA ARG A 6 -13.40 -13.68 1.06
C ARG A 6 -12.14 -14.26 1.67
N LYS A 7 -11.00 -14.12 0.94
CA LYS A 7 -9.67 -14.55 1.35
C LYS A 7 -8.65 -13.40 1.20
N LYS A 8 -7.62 -13.32 2.06
CA LYS A 8 -6.62 -12.24 2.00
C LYS A 8 -5.24 -12.81 1.62
N LEU A 9 -4.57 -12.15 0.71
CA LEU A 9 -3.26 -12.55 0.23
C LEU A 9 -2.29 -11.42 0.53
N VAL A 10 -1.12 -11.72 1.07
CA VAL A 10 -0.12 -10.68 1.34
C VAL A 10 1.20 -11.11 0.70
N ILE A 11 1.86 -10.22 -0.06
CA ILE A 11 3.13 -10.57 -0.68
CA ILE A 11 3.14 -10.56 -0.67
C ILE A 11 4.30 -9.98 0.12
N VAL A 12 5.28 -10.80 0.43
CA VAL A 12 6.45 -10.37 1.21
CA VAL A 12 6.43 -10.40 1.23
C VAL A 12 7.75 -10.65 0.46
N GLY A 13 8.84 -10.01 0.85
CA GLY A 13 10.14 -10.20 0.19
C GLY A 13 10.96 -8.92 0.14
N ASP A 14 12.24 -9.03 -0.17
CA ASP A 14 13.17 -7.90 -0.20
C ASP A 14 12.78 -6.79 -1.18
N GLY A 15 13.39 -5.61 -0.97
CA GLY A 15 13.20 -4.40 -1.74
C GLY A 15 12.86 -4.54 -3.22
N ALA A 16 13.80 -5.05 -4.04
CA ALA A 16 13.50 -5.17 -5.47
C ALA A 16 13.33 -6.63 -5.92
N CYS A 17 12.42 -7.31 -5.26
CA CYS A 17 12.08 -8.68 -5.61
C CYS A 17 10.94 -8.75 -6.66
N GLY A 18 10.40 -7.60 -7.10
CA GLY A 18 9.35 -7.53 -8.11
C GLY A 18 7.93 -7.79 -7.66
N LYS A 19 7.66 -7.75 -6.34
CA LYS A 19 6.31 -8.00 -5.81
CA LYS A 19 6.32 -7.99 -5.79
C LYS A 19 5.31 -6.91 -6.18
N THR A 20 5.74 -5.63 -6.25
CA THR A 20 4.85 -4.53 -6.62
C THR A 20 4.45 -4.70 -8.09
N CYS A 21 5.44 -4.86 -8.99
CA CYS A 21 5.21 -5.12 -10.41
C CYS A 21 4.21 -6.28 -10.64
N LEU A 22 4.38 -7.41 -9.91
CA LEU A 22 3.52 -8.60 -9.98
C LEU A 22 2.06 -8.31 -9.58
N LEU A 23 1.84 -7.62 -8.44
CA LEU A 23 0.46 -7.26 -8.03
C LEU A 23 -0.19 -6.30 -9.04
N ILE A 24 0.60 -5.39 -9.63
CA ILE A 24 0.07 -4.40 -10.59
C ILE A 24 -0.38 -5.08 -11.88
N VAL A 25 0.48 -5.92 -12.44
CA VAL A 25 0.27 -6.66 -13.69
C VAL A 25 -0.89 -7.67 -13.59
N PHE A 26 -1.10 -8.24 -12.41
CA PHE A 26 -2.20 -9.16 -12.22
C PHE A 26 -3.50 -8.38 -12.04
N SER A 27 -3.50 -7.38 -11.15
CA SER A 27 -4.71 -6.61 -10.86
C SER A 27 -5.20 -5.81 -12.06
N LYS A 28 -4.27 -5.21 -12.81
CA LYS A 28 -4.67 -4.43 -13.97
C LYS A 28 -4.96 -5.29 -15.17
N ASP A 29 -6.24 -5.39 -15.55
CA ASP A 29 -6.60 -6.07 -16.80
C ASP A 29 -6.50 -4.88 -17.74
N GLN A 30 -5.30 -4.74 -18.32
CA GLN A 30 -4.77 -3.64 -19.15
C GLN A 30 -3.28 -3.68 -18.82
N PHE A 31 -2.42 -4.15 -19.74
CA PHE A 31 -0.98 -4.19 -19.46
C PHE A 31 -0.44 -2.74 -19.38
N PRO A 32 0.41 -2.41 -18.39
CA PRO A 32 0.92 -1.02 -18.30
C PRO A 32 1.99 -0.71 -19.34
N GLU A 33 1.58 -0.50 -20.59
CA GLU A 33 2.50 -0.18 -21.69
C GLU A 33 3.11 1.21 -21.57
N VAL A 34 2.36 2.15 -20.99
CA VAL A 34 2.80 3.53 -20.91
C VAL A 34 3.51 3.90 -19.59
N TYR A 35 3.02 3.42 -18.44
CA TYR A 35 3.64 3.79 -17.16
C TYR A 35 3.38 2.72 -16.13
N VAL A 36 4.45 2.18 -15.50
CA VAL A 36 4.27 1.22 -14.44
C VAL A 36 4.22 2.01 -13.13
N PRO A 37 3.09 1.98 -12.42
CA PRO A 37 3.02 2.71 -11.13
C PRO A 37 4.13 2.32 -10.16
N THR A 38 4.56 3.23 -9.34
CA THR A 38 5.58 2.97 -8.30
C THR A 38 4.95 2.19 -7.15
N VAL A 39 3.66 2.43 -6.86
CA VAL A 39 3.02 1.83 -5.72
C VAL A 39 1.73 1.11 -6.06
N PHE A 40 1.40 0.13 -5.22
CA PHE A 40 0.18 -0.65 -5.27
C PHE A 40 -0.60 -0.31 -3.98
N GLU A 41 -1.87 0.07 -4.12
CA GLU A 41 -2.69 0.45 -2.98
C GLU A 41 -3.25 -0.82 -2.34
N ASN A 42 -4.26 -1.42 -2.98
CA ASN A 42 -4.92 -2.67 -2.65
C ASN A 42 -5.80 -3.03 -3.86
N TYR A 43 -6.37 -4.21 -3.85
CA TYR A 43 -7.22 -4.70 -4.92
C TYR A 43 -7.99 -5.92 -4.43
N VAL A 44 -9.24 -6.10 -4.85
CA VAL A 44 -10.02 -7.31 -4.50
C VAL A 44 -10.32 -8.01 -5.83
N ALA A 45 -9.62 -9.11 -6.12
CA ALA A 45 -9.76 -9.83 -7.39
C ALA A 45 -10.89 -10.84 -7.42
N ASP A 46 -11.52 -11.00 -8.60
CA ASP A 46 -12.58 -11.97 -8.77
C ASP A 46 -11.98 -13.16 -9.47
N ILE A 47 -11.78 -14.23 -8.71
CA ILE A 47 -11.14 -15.43 -9.22
CA ILE A 47 -11.17 -15.41 -9.27
C ILE A 47 -12.03 -16.64 -9.10
N GLU A 48 -12.08 -17.46 -10.13
CA GLU A 48 -12.82 -18.71 -10.07
CA GLU A 48 -12.82 -18.71 -10.08
C GLU A 48 -11.82 -19.84 -10.25
N VAL A 49 -11.45 -20.51 -9.16
CA VAL A 49 -10.48 -21.59 -9.26
C VAL A 49 -11.12 -22.94 -8.96
N ASP A 50 -10.94 -23.89 -9.89
CA ASP A 50 -11.48 -25.25 -9.82
C ASP A 50 -13.01 -25.25 -9.54
N GLY A 51 -13.71 -24.25 -10.08
CA GLY A 51 -15.15 -24.16 -9.90
C GLY A 51 -15.62 -23.40 -8.68
N LYS A 52 -14.69 -22.82 -7.89
CA LYS A 52 -15.08 -22.06 -6.70
C LYS A 52 -14.84 -20.56 -6.91
N GLN A 53 -15.85 -19.71 -6.63
CA GLN A 53 -15.67 -18.27 -6.78
CA GLN A 53 -15.74 -18.26 -6.77
C GLN A 53 -15.17 -17.68 -5.47
N VAL A 54 -14.05 -16.94 -5.53
CA VAL A 54 -13.42 -16.31 -4.37
C VAL A 54 -13.12 -14.83 -4.64
N GLU A 55 -13.28 -13.98 -3.61
CA GLU A 55 -12.92 -12.57 -3.64
C GLU A 55 -11.53 -12.51 -2.97
N LEU A 56 -10.46 -12.34 -3.76
CA LEU A 56 -9.10 -12.36 -3.21
C LEU A 56 -8.50 -10.95 -2.99
N ALA A 57 -8.43 -10.51 -1.70
CA ALA A 57 -7.85 -9.20 -1.38
C ALA A 57 -6.33 -9.31 -1.52
N LEU A 58 -5.72 -8.42 -2.26
CA LEU A 58 -4.29 -8.42 -2.52
C LEU A 58 -3.64 -7.27 -1.78
N TRP A 59 -2.52 -7.54 -1.08
CA TRP A 59 -1.82 -6.49 -0.34
C TRP A 59 -0.32 -6.58 -0.55
N ASP A 60 0.36 -5.45 -0.55
CA ASP A 60 1.82 -5.34 -0.71
C ASP A 60 2.47 -4.91 0.62
N THR A 61 3.73 -5.28 0.81
CA THR A 61 4.53 -4.86 1.97
C THR A 61 5.68 -3.90 1.56
N ALA A 62 5.77 -3.50 0.27
CA ALA A 62 6.82 -2.61 -0.23
C ALA A 62 6.79 -1.29 0.53
N GLY A 63 7.97 -0.86 0.96
CA GLY A 63 8.09 0.33 1.79
C GLY A 63 8.12 0.02 3.28
N GLN A 64 7.69 -1.19 3.68
CA GLN A 64 7.66 -1.59 5.08
C GLN A 64 8.90 -2.37 5.54
N GLU A 65 9.75 -2.83 4.58
CA GLU A 65 10.93 -3.69 4.85
C GLU A 65 11.88 -3.20 5.95
N ASP A 66 12.05 -1.87 6.15
CA ASP A 66 12.95 -1.32 7.19
C ASP A 66 12.24 -1.00 8.51
N TYR A 67 10.91 -1.16 8.58
CA TYR A 67 10.13 -0.80 9.76
C TYR A 67 9.54 -2.05 10.38
N ASP A 68 10.21 -2.59 11.40
CA ASP A 68 9.85 -3.85 12.02
C ASP A 68 8.59 -3.83 12.90
N ARG A 69 8.08 -2.65 13.25
CA ARG A 69 6.86 -2.54 14.05
C ARG A 69 5.63 -2.15 13.20
N LEU A 70 5.86 -1.46 12.08
CA LEU A 70 4.77 -1.06 11.19
C LEU A 70 4.34 -2.25 10.31
N ARG A 71 5.35 -2.99 9.79
CA ARG A 71 5.17 -4.14 8.90
C ARG A 71 4.19 -5.22 9.35
N PRO A 72 4.24 -5.71 10.60
CA PRO A 72 3.32 -6.80 10.96
C PRO A 72 1.84 -6.39 10.97
N LEU A 73 1.52 -5.08 10.85
CA LEU A 73 0.13 -4.63 10.74
C LEU A 73 -0.53 -5.04 9.39
N SER A 74 0.28 -5.51 8.43
CA SER A 74 -0.18 -6.04 7.17
C SER A 74 -0.62 -7.50 7.34
N TYR A 75 -0.15 -8.24 8.36
CA TYR A 75 -0.43 -9.67 8.47
C TYR A 75 -1.79 -10.12 9.02
N PRO A 76 -2.51 -9.37 9.89
CA PRO A 76 -3.78 -9.92 10.44
C PRO A 76 -4.75 -10.50 9.41
N ASP A 77 -5.22 -11.72 9.66
CA ASP A 77 -6.20 -12.47 8.87
C ASP A 77 -5.75 -12.86 7.45
N THR A 78 -4.43 -12.95 7.21
CA THR A 78 -3.91 -13.39 5.92
C THR A 78 -4.23 -14.91 5.77
N ASP A 79 -4.74 -15.30 4.58
CA ASP A 79 -5.07 -16.70 4.28
C ASP A 79 -3.97 -17.38 3.46
N VAL A 80 -3.17 -16.61 2.72
CA VAL A 80 -2.08 -17.14 1.92
C VAL A 80 -0.99 -16.09 1.79
N ILE A 81 0.27 -16.48 1.99
CA ILE A 81 1.41 -15.57 1.84
C ILE A 81 2.14 -15.90 0.52
N LEU A 82 2.45 -14.88 -0.32
CA LEU A 82 3.33 -15.14 -1.45
C LEU A 82 4.72 -14.63 -1.02
N MET A 83 5.70 -15.50 -0.91
CA MET A 83 7.05 -15.13 -0.51
CA MET A 83 7.06 -15.15 -0.51
C MET A 83 7.86 -14.96 -1.79
N CYS A 84 8.21 -13.73 -2.10
CA CYS A 84 8.89 -13.39 -3.35
CA CYS A 84 8.90 -13.40 -3.35
C CYS A 84 10.40 -13.21 -3.22
N PHE A 85 11.10 -13.50 -4.32
CA PHE A 85 12.54 -13.31 -4.53
C PHE A 85 12.74 -13.10 -6.04
N SER A 86 13.83 -12.42 -6.39
CA SER A 86 14.12 -12.14 -7.78
C SER A 86 15.15 -13.10 -8.32
N ILE A 87 14.86 -13.75 -9.44
CA ILE A 87 15.77 -14.70 -10.06
C ILE A 87 17.10 -14.02 -10.52
N ASP A 88 17.10 -12.69 -10.69
CA ASP A 88 18.32 -11.94 -11.00
C ASP A 88 19.09 -11.52 -9.72
N SER A 89 18.68 -11.98 -8.54
CA SER A 89 19.31 -11.60 -7.30
C SER A 89 19.42 -12.75 -6.30
N PRO A 90 20.43 -13.63 -6.45
CA PRO A 90 20.62 -14.73 -5.49
C PRO A 90 20.72 -14.29 -4.03
N ASP A 91 21.12 -13.04 -3.79
CA ASP A 91 21.22 -12.43 -2.48
C ASP A 91 19.83 -12.34 -1.84
N SER A 92 18.81 -11.93 -2.61
CA SER A 92 17.44 -11.87 -2.12
C SER A 92 16.86 -13.26 -1.74
N LEU A 93 17.45 -14.35 -2.28
CA LEU A 93 17.03 -15.71 -1.96
C LEU A 93 17.63 -16.15 -0.63
N GLU A 94 18.88 -15.76 -0.37
CA GLU A 94 19.60 -16.06 0.88
C GLU A 94 18.81 -15.55 2.09
N ASN A 95 18.06 -14.43 1.93
CA ASN A 95 17.23 -13.84 3.00
C ASN A 95 15.88 -14.54 3.24
N ILE A 96 15.46 -15.40 2.32
CA ILE A 96 14.22 -16.15 2.49
C ILE A 96 14.20 -16.99 3.82
N PRO A 97 15.20 -17.84 4.16
CA PRO A 97 15.09 -18.61 5.41
C PRO A 97 15.52 -17.88 6.70
N GLU A 98 16.53 -17.01 6.63
CA GLU A 98 17.05 -16.30 7.79
C GLU A 98 16.18 -15.14 8.30
N LYS A 99 15.50 -14.41 7.40
CA LYS A 99 14.75 -13.24 7.83
C LYS A 99 13.24 -13.32 7.62
N TRP A 100 12.76 -13.64 6.41
CA TRP A 100 11.33 -13.60 6.11
C TRP A 100 10.53 -14.77 6.64
N THR A 101 11.01 -16.00 6.43
CA THR A 101 10.35 -17.22 6.86
C THR A 101 10.06 -17.21 8.37
N PRO A 102 11.02 -16.90 9.26
CA PRO A 102 10.69 -16.87 10.70
C PRO A 102 9.65 -15.82 11.05
N GLU A 103 9.69 -14.65 10.37
CA GLU A 103 8.73 -13.59 10.64
C GLU A 103 7.33 -14.04 10.23
N VAL A 104 7.21 -14.65 9.04
CA VAL A 104 5.90 -15.08 8.54
C VAL A 104 5.34 -16.25 9.36
N LYS A 105 6.19 -17.15 9.88
CA LYS A 105 5.70 -18.26 10.69
C LYS A 105 5.24 -17.78 12.07
N HIS A 106 5.89 -16.72 12.60
CA HIS A 106 5.55 -16.10 13.87
C HIS A 106 4.18 -15.39 13.78
N PHE A 107 4.03 -14.43 12.85
CA PHE A 107 2.79 -13.68 12.73
C PHE A 107 1.68 -14.37 11.94
N CYS A 108 2.00 -15.45 11.25
CA CYS A 108 1.00 -16.17 10.44
C CYS A 108 1.12 -17.69 10.65
N PRO A 109 0.86 -18.20 11.87
CA PRO A 109 0.96 -19.65 12.10
C PRO A 109 -0.04 -20.41 11.24
N ASN A 110 0.44 -21.46 10.61
CA ASN A 110 -0.33 -22.35 9.77
C ASN A 110 -0.93 -21.71 8.50
N VAL A 111 -0.40 -20.55 8.07
CA VAL A 111 -0.86 -19.92 6.84
C VAL A 111 0.02 -20.43 5.71
N PRO A 112 -0.56 -21.03 4.65
CA PRO A 112 0.27 -21.52 3.53
C PRO A 112 1.12 -20.45 2.90
N ILE A 113 2.37 -20.78 2.56
CA ILE A 113 3.34 -19.89 1.96
C ILE A 113 3.68 -20.45 0.59
N ILE A 114 3.62 -19.66 -0.48
CA ILE A 114 4.05 -20.13 -1.79
C ILE A 114 5.30 -19.36 -2.11
N LEU A 115 6.42 -20.03 -2.35
CA LEU A 115 7.67 -19.35 -2.70
C LEU A 115 7.65 -19.00 -4.18
N VAL A 116 7.73 -17.72 -4.51
CA VAL A 116 7.67 -17.28 -5.90
C VAL A 116 8.97 -16.64 -6.39
N GLY A 117 9.48 -17.17 -7.48
CA GLY A 117 10.66 -16.63 -8.17
C GLY A 117 10.16 -15.72 -9.28
N ASN A 118 10.36 -14.40 -9.08
CA ASN A 118 9.96 -13.37 -10.02
CA ASN A 118 9.95 -13.37 -10.03
C ASN A 118 11.04 -13.11 -11.05
N LYS A 119 10.69 -12.41 -12.15
CA LYS A 119 11.62 -12.01 -13.20
C LYS A 119 12.39 -13.16 -13.81
N LYS A 120 11.72 -14.30 -14.04
CA LYS A 120 12.35 -15.50 -14.61
C LYS A 120 12.95 -15.27 -16.00
N ASP A 121 12.49 -14.21 -16.70
CA ASP A 121 12.96 -13.77 -18.01
C ASP A 121 14.42 -13.30 -17.95
N LEU A 122 14.87 -12.79 -16.79
CA LEU A 122 16.23 -12.33 -16.63
C LEU A 122 17.25 -13.48 -16.64
N ARG A 123 16.80 -14.77 -16.53
CA ARG A 123 17.67 -15.94 -16.68
C ARG A 123 18.31 -15.98 -18.07
N ASN A 124 17.69 -15.34 -19.09
CA ASN A 124 18.22 -15.31 -20.44
C ASN A 124 18.55 -13.89 -20.90
N ASP A 125 18.92 -13.01 -19.97
CA ASP A 125 19.26 -11.64 -20.30
C ASP A 125 20.78 -11.50 -20.26
N GLU A 126 21.37 -11.00 -21.35
CA GLU A 126 22.82 -10.84 -21.46
C GLU A 126 23.38 -9.92 -20.40
N HIS A 127 22.71 -8.79 -20.15
CA HIS A 127 23.15 -7.83 -19.14
C HIS A 127 23.07 -8.40 -17.73
N THR A 128 22.06 -9.24 -17.45
CA THR A 128 21.92 -9.84 -16.13
C THR A 128 23.07 -10.79 -15.81
N ARG A 129 23.37 -11.72 -16.73
CA ARG A 129 24.45 -12.69 -16.54
C ARG A 129 25.82 -12.02 -16.47
N ARG A 130 26.08 -11.03 -17.33
CA ARG A 130 27.35 -10.29 -17.32
C ARG A 130 27.58 -9.57 -15.99
N GLU A 131 26.54 -8.97 -15.42
CA GLU A 131 26.64 -8.25 -14.16
C GLU A 131 26.80 -9.17 -12.96
N LEU A 132 26.03 -10.28 -12.93
CA LEU A 132 26.09 -11.22 -11.83
C LEU A 132 27.46 -11.86 -11.73
N ALA A 133 28.03 -12.23 -12.89
CA ALA A 133 29.37 -12.85 -12.95
C ALA A 133 30.48 -11.95 -12.39
N LYS A 134 30.26 -10.63 -12.35
CA LYS A 134 31.24 -9.71 -11.78
C LYS A 134 31.38 -9.93 -10.27
N MET A 135 30.29 -10.34 -9.58
CA MET A 135 30.36 -10.63 -8.16
C MET A 135 30.29 -12.12 -7.86
N LYS A 136 30.86 -12.95 -8.76
CA LYS A 136 30.92 -14.42 -8.68
C LYS A 136 29.55 -15.11 -8.67
N GLN A 137 28.48 -14.42 -9.11
CA GLN A 137 27.14 -14.98 -9.08
C GLN A 137 26.57 -15.37 -10.46
N GLU A 138 25.35 -15.91 -10.46
CA GLU A 138 24.60 -16.32 -11.64
C GLU A 138 23.10 -16.33 -11.31
N PRO A 139 22.20 -16.20 -12.31
CA PRO A 139 20.76 -16.24 -12.01
C PRO A 139 20.32 -17.47 -11.20
N VAL A 140 19.36 -17.29 -10.28
CA VAL A 140 18.87 -18.36 -9.42
C VAL A 140 18.35 -19.52 -10.25
N LYS A 141 18.88 -20.72 -10.01
CA LYS A 141 18.52 -21.90 -10.77
C LYS A 141 17.17 -22.48 -10.31
N PRO A 142 16.39 -23.08 -11.21
CA PRO A 142 15.09 -23.66 -10.81
C PRO A 142 15.16 -24.62 -9.61
N GLU A 143 16.22 -25.45 -9.54
CA GLU A 143 16.41 -26.37 -8.42
C GLU A 143 16.81 -25.66 -7.10
N GLU A 144 17.51 -24.52 -7.18
CA GLU A 144 17.85 -23.76 -5.98
C GLU A 144 16.60 -23.10 -5.36
N GLY A 145 15.63 -22.75 -6.22
CA GLY A 145 14.33 -22.25 -5.79
C GLY A 145 13.53 -23.37 -5.18
N ARG A 146 13.47 -24.54 -5.85
CA ARG A 146 12.74 -25.69 -5.33
C ARG A 146 13.27 -26.16 -3.99
N ASP A 147 14.60 -26.21 -3.85
CA ASP A 147 15.22 -26.64 -2.60
C ASP A 147 14.96 -25.67 -1.47
N MET A 148 14.95 -24.36 -1.76
CA MET A 148 14.65 -23.32 -0.77
C MET A 148 13.21 -23.49 -0.33
N ALA A 149 12.25 -23.60 -1.28
CA ALA A 149 10.84 -23.82 -0.94
C ALA A 149 10.66 -25.07 -0.05
N ASN A 150 11.39 -26.16 -0.39
CA ASN A 150 11.41 -27.42 0.34
C ASN A 150 11.93 -27.23 1.78
N ARG A 151 13.12 -26.60 1.93
CA ARG A 151 13.77 -26.31 3.21
C ARG A 151 12.86 -25.45 4.13
N ILE A 152 12.29 -24.34 3.62
CA ILE A 152 11.45 -23.46 4.44
C ILE A 152 10.03 -24.02 4.74
N GLY A 153 9.69 -25.17 4.18
CA GLY A 153 8.40 -25.80 4.43
C GLY A 153 7.26 -25.16 3.67
N ALA A 154 7.55 -24.60 2.49
CA ALA A 154 6.56 -23.93 1.67
C ALA A 154 5.51 -24.87 1.17
N PHE A 155 4.31 -24.36 0.94
CA PHE A 155 3.23 -25.10 0.32
C PHE A 155 3.64 -25.50 -1.13
N GLY A 156 4.37 -24.61 -1.81
CA GLY A 156 4.85 -24.90 -3.15
C GLY A 156 5.82 -23.86 -3.70
N TYR A 157 6.43 -24.17 -4.85
CA TYR A 157 7.35 -23.31 -5.56
C TYR A 157 6.80 -23.03 -6.93
N MET A 158 6.76 -21.76 -7.30
CA MET A 158 6.28 -21.28 -8.59
C MET A 158 7.20 -20.20 -9.13
N GLU A 159 7.28 -20.09 -10.47
CA GLU A 159 8.04 -19.03 -11.13
C GLU A 159 7.14 -18.24 -12.07
N CYS A 160 7.43 -16.95 -12.21
CA CYS A 160 6.62 -16.10 -13.08
C CYS A 160 7.44 -14.96 -13.65
N SER A 161 6.87 -14.24 -14.60
CA SER A 161 7.53 -13.08 -15.19
C SER A 161 6.54 -11.96 -15.32
N ALA A 162 6.57 -10.94 -14.43
CA ALA A 162 5.65 -9.81 -14.53
C ALA A 162 5.79 -9.08 -15.87
N LYS A 163 7.02 -9.04 -16.41
CA LYS A 163 7.29 -8.36 -17.67
C LYS A 163 6.59 -9.00 -18.86
N THR A 164 6.62 -10.33 -18.97
CA THR A 164 5.98 -11.02 -20.10
C THR A 164 4.56 -11.56 -19.79
N LYS A 165 4.16 -11.56 -18.50
CA LYS A 165 2.92 -12.10 -17.95
C LYS A 165 2.92 -13.62 -17.80
N ASP A 166 4.02 -14.30 -18.21
CA ASP A 166 4.09 -15.76 -18.15
C ASP A 166 4.10 -16.30 -16.73
N GLY A 167 3.10 -17.13 -16.44
CA GLY A 167 2.97 -17.75 -15.14
C GLY A 167 2.37 -16.92 -14.04
N VAL A 168 2.04 -15.66 -14.33
CA VAL A 168 1.43 -14.76 -13.39
C VAL A 168 0.03 -15.25 -12.99
N ARG A 169 -0.91 -15.49 -13.94
CA ARG A 169 -2.24 -15.99 -13.58
C ARG A 169 -2.20 -17.32 -12.76
N GLU A 170 -1.27 -18.24 -13.11
CA GLU A 170 -1.18 -19.52 -12.40
C GLU A 170 -0.82 -19.34 -10.94
N VAL A 171 0.07 -18.36 -10.61
CA VAL A 171 0.44 -18.08 -9.22
C VAL A 171 -0.80 -17.69 -8.40
N PHE A 172 -1.63 -16.79 -8.94
CA PHE A 172 -2.78 -16.29 -8.21
C PHE A 172 -3.93 -17.30 -8.10
N GLU A 173 -4.14 -18.13 -9.12
CA GLU A 173 -5.14 -19.19 -9.00
C GLU A 173 -4.66 -20.24 -8.00
N MET A 174 -3.33 -20.52 -7.95
CA MET A 174 -2.80 -21.50 -6.99
C MET A 174 -2.88 -20.97 -5.55
N ALA A 175 -2.60 -19.68 -5.36
CA ALA A 175 -2.69 -19.05 -4.05
C ALA A 175 -4.13 -19.06 -3.52
N THR A 176 -5.14 -19.06 -4.41
CA THR A 176 -6.54 -19.11 -4.05
C THR A 176 -6.92 -20.50 -3.57
N ARG A 177 -6.35 -21.53 -4.20
CA ARG A 177 -6.52 -22.93 -3.83
C ARG A 177 -5.88 -23.11 -2.44
N ALA A 178 -4.65 -22.58 -2.24
CA ALA A 178 -3.96 -22.63 -0.96
C ALA A 178 -4.77 -21.95 0.13
N ALA A 179 -5.37 -20.78 -0.16
CA ALA A 179 -6.18 -20.02 0.80
C ALA A 179 -7.43 -20.79 1.22
N LEU A 180 -8.01 -21.56 0.30
CA LEU A 180 -9.21 -22.35 0.55
C LEU A 180 -8.94 -23.59 1.40
N GLN A 181 -7.70 -24.13 1.39
CA GLN A 181 -7.40 -25.33 2.18
C GLN A 181 -7.48 -25.06 3.68
N ALA A 182 -7.98 -26.05 4.46
CA ALA A 182 -8.16 -25.89 5.91
C ALA A 182 -7.40 -26.94 6.71
N SER B 1 -14.39 11.91 -2.99
CA SER B 1 -13.71 12.77 -3.97
CA SER B 1 -13.72 12.81 -3.94
C SER B 1 -14.69 13.66 -4.74
N MET B 2 -14.21 14.79 -5.31
CA MET B 2 -15.02 15.70 -6.11
C MET B 2 -14.74 15.49 -7.61
N GLU B 3 -15.80 15.50 -8.43
CA GLU B 3 -15.72 15.23 -9.86
C GLU B 3 -14.56 15.91 -10.60
N MET B 4 -14.35 17.19 -10.36
CA MET B 4 -13.27 17.96 -10.96
CA MET B 4 -13.27 17.98 -10.96
C MET B 4 -11.90 17.30 -10.77
N ASP B 5 -11.55 16.97 -9.52
CA ASP B 5 -10.28 16.34 -9.19
C ASP B 5 -10.22 14.92 -9.74
N GLU B 6 -11.34 14.18 -9.72
CA GLU B 6 -11.37 12.82 -10.24
C GLU B 6 -11.10 12.79 -11.73
N LYS B 7 -11.65 13.73 -12.49
CA LYS B 7 -11.40 13.77 -13.94
C LYS B 7 -9.95 14.16 -14.21
N ASP B 8 -9.43 15.10 -13.42
CA ASP B 8 -8.05 15.56 -13.53
C ASP B 8 -7.07 14.46 -13.28
N PHE B 9 -7.44 13.45 -12.46
CA PHE B 9 -6.58 12.29 -12.13
C PHE B 9 -7.21 10.95 -12.53
N ALA B 10 -7.98 10.94 -13.61
CA ALA B 10 -8.63 9.71 -14.09
C ALA B 10 -7.72 8.89 -14.99
N ALA B 11 -6.82 9.57 -15.72
CA ALA B 11 -5.91 8.91 -16.63
C ALA B 11 -4.91 8.03 -15.88
N ASP B 12 -4.35 7.01 -16.56
CA ASP B 12 -3.38 6.14 -15.91
C ASP B 12 -2.01 6.81 -15.68
N SER B 13 -1.74 7.96 -16.31
CA SER B 13 -0.45 8.66 -16.14
C SER B 13 -0.56 10.15 -16.49
N TRP B 14 0.52 10.93 -16.26
CA TRP B 14 0.56 12.34 -16.65
C TRP B 14 0.65 12.41 -18.17
N SER B 15 1.49 11.54 -18.79
CA SER B 15 1.62 11.51 -20.25
C SER B 15 0.28 11.25 -20.94
N LEU B 16 -0.64 10.54 -20.28
CA LEU B 16 -1.98 10.31 -20.80
C LEU B 16 -3.03 11.40 -20.40
N ALA B 17 -2.79 12.18 -19.33
CA ALA B 17 -3.74 13.18 -18.86
C ALA B 17 -3.67 14.47 -19.69
N VAL B 18 -2.45 14.96 -19.93
CA VAL B 18 -2.23 16.14 -20.75
C VAL B 18 -2.56 15.82 -22.21
N ASP B 19 -2.92 16.86 -22.98
CA ASP B 19 -3.19 16.80 -24.41
C ASP B 19 -1.97 16.22 -25.13
N SER B 20 -2.18 15.41 -26.17
CA SER B 20 -1.09 14.80 -26.93
C SER B 20 -0.11 15.83 -27.51
N SER B 21 -0.60 16.97 -28.00
CA SER B 21 0.27 18.01 -28.56
C SER B 21 1.07 18.80 -27.50
N PHE B 22 0.65 18.74 -26.22
CA PHE B 22 1.38 19.39 -25.13
C PHE B 22 2.51 18.46 -24.69
N LEU B 23 2.23 17.13 -24.61
CA LEU B 23 3.22 16.12 -24.26
C LEU B 23 4.38 16.16 -25.25
N GLN B 24 4.08 16.22 -26.56
CA GLN B 24 5.08 16.27 -27.63
C GLN B 24 6.11 17.38 -27.45
N GLN B 25 5.72 18.48 -26.81
CA GLN B 25 6.61 19.62 -26.59
C GLN B 25 7.66 19.39 -25.50
N HIS B 26 7.52 18.34 -24.66
CA HIS B 26 8.44 18.12 -23.55
C HIS B 26 9.45 17.03 -23.72
N LYS B 27 10.60 17.14 -23.03
CA LYS B 27 11.65 16.12 -23.07
C LYS B 27 11.19 14.87 -22.33
N LYS B 28 11.81 13.70 -22.61
CA LYS B 28 11.40 12.46 -21.96
C LYS B 28 11.63 12.54 -20.46
N GLU B 29 12.78 13.08 -20.02
CA GLU B 29 13.10 13.20 -18.60
C GLU B 29 12.05 13.97 -17.81
N VAL B 30 11.42 14.97 -18.45
CA VAL B 30 10.35 15.76 -17.85
C VAL B 30 9.09 14.93 -17.78
N MET B 31 8.75 14.20 -18.85
CA MET B 31 7.59 13.32 -18.88
C MET B 31 7.66 12.28 -17.78
N LYS B 32 8.85 11.73 -17.55
CA LYS B 32 9.06 10.73 -16.52
C LYS B 32 8.93 11.33 -15.13
N GLN B 33 9.36 12.56 -14.92
CA GLN B 33 9.29 13.23 -13.64
C GLN B 33 7.82 13.53 -13.36
N GLN B 34 7.12 14.11 -14.34
CA GLN B 34 5.72 14.45 -14.20
C GLN B 34 4.82 13.24 -13.96
N ASP B 35 5.20 12.09 -14.49
CA ASP B 35 4.47 10.86 -14.26
C ASP B 35 4.50 10.48 -12.76
N VAL B 36 5.68 10.58 -12.10
CA VAL B 36 5.76 10.21 -10.68
C VAL B 36 5.09 11.28 -9.80
N ILE B 37 5.22 12.54 -10.17
CA ILE B 37 4.57 13.62 -9.43
C ILE B 37 3.04 13.45 -9.50
N TYR B 38 2.52 13.13 -10.69
CA TYR B 38 1.10 12.86 -10.92
C TYR B 38 0.66 11.63 -10.08
N GLU B 39 1.53 10.59 -9.97
CA GLU B 39 1.15 9.45 -9.16
C GLU B 39 1.08 9.83 -7.70
N LEU B 40 2.00 10.68 -7.22
CA LEU B 40 1.97 11.11 -5.81
C LEU B 40 0.66 11.84 -5.50
N ILE B 41 0.19 12.71 -6.39
CA ILE B 41 -1.05 13.43 -6.19
C ILE B 41 -2.26 12.53 -6.34
N GLN B 42 -2.29 11.70 -7.40
CA GLN B 42 -3.41 10.79 -7.63
C GLN B 42 -3.65 9.85 -6.43
N THR B 43 -2.56 9.29 -5.85
CA THR B 43 -2.68 8.40 -4.68
C THR B 43 -3.03 9.19 -3.38
N GLU B 44 -2.66 10.48 -3.31
CA GLU B 44 -3.01 11.36 -2.18
C GLU B 44 -4.51 11.72 -2.25
N LEU B 45 -5.06 11.87 -3.47
CA LEU B 45 -6.49 12.08 -3.67
C LEU B 45 -7.25 10.85 -3.14
N HIS B 46 -6.77 9.65 -3.49
CA HIS B 46 -7.33 8.37 -3.08
C HIS B 46 -7.23 8.16 -1.59
N HIS B 47 -6.10 8.54 -1.01
CA HIS B 47 -5.90 8.47 0.44
C HIS B 47 -6.92 9.32 1.19
N VAL B 48 -7.08 10.59 0.79
CA VAL B 48 -8.03 11.49 1.42
C VAL B 48 -9.45 10.96 1.27
N ARG B 49 -9.77 10.43 0.08
CA ARG B 49 -11.08 9.85 -0.16
C ARG B 49 -11.31 8.59 0.72
N THR B 50 -10.27 7.76 0.97
CA THR B 50 -10.38 6.58 1.85
C THR B 50 -10.80 7.07 3.29
N LEU B 51 -10.17 8.17 3.76
CA LEU B 51 -10.48 8.79 5.07
C LEU B 51 -11.90 9.40 5.10
N LYS B 52 -12.44 9.85 3.95
CA LYS B 52 -13.81 10.36 3.91
C LYS B 52 -14.80 9.20 3.98
N ILE B 53 -14.46 8.02 3.42
CA ILE B 53 -15.32 6.83 3.53
C ILE B 53 -15.43 6.45 5.01
N MET B 54 -14.30 6.47 5.75
CA MET B 54 -14.26 6.17 7.18
C MET B 54 -15.04 7.16 8.03
N THR B 55 -14.89 8.48 7.80
CA THR B 55 -15.57 9.47 8.61
C THR B 55 -17.04 9.64 8.23
N ARG B 56 -17.32 9.88 6.95
CA ARG B 56 -18.68 10.18 6.52
C ARG B 56 -19.57 8.99 6.24
N LEU B 57 -19.01 7.89 5.71
CA LEU B 57 -19.82 6.73 5.43
C LEU B 57 -19.91 5.78 6.62
N PHE B 58 -18.78 5.29 7.14
CA PHE B 58 -18.81 4.36 8.25
C PHE B 58 -19.12 5.02 9.60
N ARG B 59 -18.21 5.85 10.12
CA ARG B 59 -18.29 6.50 11.43
C ARG B 59 -19.63 7.22 11.68
N THR B 60 -20.00 8.13 10.79
CA THR B 60 -21.22 8.90 10.95
C THR B 60 -22.46 8.03 10.78
N GLY B 61 -22.46 7.14 9.80
CA GLY B 61 -23.59 6.25 9.57
C GLY B 61 -23.87 5.36 10.77
N MET B 62 -22.80 4.95 11.47
CA MET B 62 -22.95 4.11 12.65
C MET B 62 -23.60 4.92 13.76
N LEU B 63 -23.16 6.17 13.97
CA LEU B 63 -23.71 7.03 15.01
C LEU B 63 -25.18 7.33 14.77
N GLU B 64 -25.57 7.57 13.51
CA GLU B 64 -26.94 7.94 13.20
C GLU B 64 -27.95 6.80 13.00
N GLU B 65 -27.48 5.59 12.63
N GLU B 65 -27.58 5.77 12.25
CA GLU B 65 -28.34 4.42 12.45
CA GLU B 65 -28.51 4.70 11.89
C GLU B 65 -28.29 3.42 13.60
C GLU B 65 -28.57 3.57 12.92
N LEU B 66 -27.09 3.16 14.15
N LEU B 66 -27.52 3.41 13.73
CA LEU B 66 -26.94 2.17 15.22
CA LEU B 66 -27.51 2.36 14.75
C LEU B 66 -27.03 2.79 16.62
C LEU B 66 -27.54 2.92 16.16
N HIS B 67 -27.22 1.94 17.66
N HIS B 67 -26.99 4.13 16.36
CA HIS B 67 -27.26 2.40 19.03
CA HIS B 67 -26.89 4.80 17.66
C HIS B 67 -26.12 1.71 19.76
C HIS B 67 -25.91 4.07 18.56
N LEU B 68 -24.87 2.06 19.40
N LEU B 68 -24.71 3.83 18.04
CA LEU B 68 -23.70 1.45 20.02
CA LEU B 68 -23.66 3.14 18.78
C LEU B 68 -23.32 2.14 21.31
C LEU B 68 -22.96 4.07 19.75
N GLU B 69 -22.62 1.43 22.20
N GLU B 69 -22.41 3.49 20.83
CA GLU B 69 -22.17 1.99 23.46
CA GLU B 69 -21.69 4.20 21.89
C GLU B 69 -21.10 3.05 23.16
C GLU B 69 -20.52 4.99 21.27
N PRO B 70 -21.17 4.23 23.78
N PRO B 70 -20.32 6.25 21.69
CA PRO B 70 -20.19 5.30 23.48
CA PRO B 70 -19.23 7.05 21.09
C PRO B 70 -18.73 4.85 23.61
C PRO B 70 -17.84 6.45 21.24
N GLY B 71 -17.92 5.26 22.64
N GLY B 71 -17.64 5.69 22.31
CA GLY B 71 -16.52 4.88 22.61
CA GLY B 71 -16.37 5.02 22.57
C GLY B 71 -16.21 3.69 21.72
C GLY B 71 -16.13 3.79 21.73
N VAL B 72 -17.24 2.98 21.21
N VAL B 72 -17.21 3.15 21.24
CA VAL B 72 -17.03 1.86 20.31
CA VAL B 72 -17.12 1.97 20.38
C VAL B 72 -16.67 2.37 18.91
C VAL B 72 -16.67 2.40 18.98
N VAL B 73 -17.33 3.47 18.46
CA VAL B 73 -17.06 4.04 17.16
C VAL B 73 -15.64 4.65 17.13
N GLN B 74 -15.22 5.27 18.25
CA GLN B 74 -13.87 5.85 18.32
CA GLN B 74 -13.87 5.85 18.34
C GLN B 74 -12.80 4.75 18.28
N GLY B 75 -13.10 3.60 18.85
CA GLY B 75 -12.21 2.45 18.86
C GLY B 75 -12.14 1.81 17.48
N LEU B 76 -13.22 1.92 16.70
CA LEU B 76 -13.27 1.42 15.33
C LEU B 76 -12.51 2.37 14.42
N PHE B 77 -12.59 3.70 14.65
CA PHE B 77 -11.98 4.71 13.79
C PHE B 77 -11.06 5.68 14.54
N PRO B 78 -9.95 5.18 15.11
CA PRO B 78 -9.05 6.10 15.83
C PRO B 78 -8.46 7.20 14.94
N CYS B 79 -8.29 8.41 15.48
CA CYS B 79 -7.67 9.58 14.81
C CYS B 79 -8.16 9.92 13.37
N VAL B 80 -9.35 9.49 12.95
CA VAL B 80 -9.79 9.73 11.56
CA VAL B 80 -9.77 9.70 11.56
C VAL B 80 -10.07 11.20 11.25
N ASP B 81 -10.46 12.01 12.27
CA ASP B 81 -10.70 13.44 12.04
C ASP B 81 -9.37 14.18 11.91
N GLU B 82 -8.37 13.80 12.73
CA GLU B 82 -7.03 14.39 12.70
CA GLU B 82 -7.04 14.42 12.67
C GLU B 82 -6.31 13.99 11.41
N LEU B 83 -6.45 12.74 10.99
CA LEU B 83 -5.82 12.27 9.76
C LEU B 83 -6.45 12.95 8.55
N SER B 84 -7.80 13.09 8.58
CA SER B 84 -8.51 13.78 7.53
C SER B 84 -8.06 15.26 7.46
N ASP B 85 -7.81 15.93 8.60
CA ASP B 85 -7.35 17.33 8.55
C ASP B 85 -5.93 17.47 8.04
N ILE B 86 -5.03 16.54 8.41
CA ILE B 86 -3.63 16.57 7.97
C ILE B 86 -3.54 16.37 6.43
N HIS B 87 -4.18 15.31 5.94
CA HIS B 87 -4.09 14.94 4.55
C HIS B 87 -4.91 15.83 3.67
N THR B 88 -6.08 16.34 4.15
CA THR B 88 -6.86 17.26 3.31
C THR B 88 -6.09 18.56 3.13
N ARG B 89 -5.32 19.00 4.15
CA ARG B 89 -4.50 20.20 3.96
C ARG B 89 -3.40 19.94 2.92
N PHE B 90 -2.68 18.81 3.04
CA PHE B 90 -1.60 18.40 2.13
C PHE B 90 -2.09 18.33 0.67
N LEU B 91 -3.25 17.67 0.45
CA LEU B 91 -3.89 17.53 -0.86
C LEU B 91 -4.25 18.91 -1.45
N SER B 92 -4.75 19.83 -0.59
CA SER B 92 -5.09 21.17 -1.06
CA SER B 92 -5.09 21.18 -1.06
C SER B 92 -3.85 21.89 -1.62
N GLN B 93 -2.71 21.73 -0.95
CA GLN B 93 -1.44 22.34 -1.37
C GLN B 93 -0.91 21.76 -2.68
N LEU B 94 -1.03 20.44 -2.86
CA LEU B 94 -0.56 19.75 -4.06
C LEU B 94 -1.43 20.11 -5.27
N LEU B 95 -2.75 20.11 -5.10
CA LEU B 95 -3.68 20.45 -6.17
C LEU B 95 -3.57 21.91 -6.59
N GLU B 96 -3.20 22.80 -5.66
CA GLU B 96 -3.03 24.23 -5.99
C GLU B 96 -1.73 24.46 -6.75
N ARG B 97 -0.67 23.68 -6.43
CA ARG B 97 0.62 23.74 -7.11
C ARG B 97 0.41 23.33 -8.59
N ARG B 98 -0.42 22.32 -8.84
CA ARG B 98 -0.78 21.85 -10.17
C ARG B 98 -1.64 22.90 -10.89
N ARG B 99 -2.55 23.54 -10.15
CA ARG B 99 -3.46 24.53 -10.74
CA ARG B 99 -3.46 24.52 -10.75
C ARG B 99 -2.70 25.77 -11.19
N GLN B 100 -1.79 26.27 -10.35
CA GLN B 100 -0.98 27.43 -10.67
C GLN B 100 -0.16 27.21 -11.95
N ALA B 101 0.30 25.98 -12.17
CA ALA B 101 1.16 25.51 -13.26
C ALA B 101 0.45 25.26 -14.59
N LEU B 102 -0.89 25.31 -14.60
CA LEU B 102 -1.67 25.11 -15.81
C LEU B 102 -1.43 26.22 -16.85
N CYS B 103 -1.44 25.83 -18.12
CA CYS B 103 -1.35 26.79 -19.19
C CYS B 103 -2.68 27.52 -19.26
N PRO B 104 -2.64 28.82 -19.59
CA PRO B 104 -3.91 29.57 -19.75
C PRO B 104 -4.76 28.95 -20.86
N GLY B 105 -6.08 28.90 -20.67
CA GLY B 105 -6.96 28.27 -21.63
C GLY B 105 -6.99 26.76 -21.51
N SER B 106 -6.31 26.19 -20.50
CA SER B 106 -6.32 24.75 -20.31
C SER B 106 -6.57 24.35 -18.88
N THR B 107 -7.35 23.29 -18.70
CA THR B 107 -7.57 22.75 -17.36
C THR B 107 -6.83 21.42 -17.12
N ARG B 108 -6.00 20.96 -18.09
CA ARG B 108 -5.31 19.69 -17.95
C ARG B 108 -3.81 19.68 -18.30
N ASN B 109 -3.30 20.70 -19.02
CA ASN B 109 -1.87 20.78 -19.37
C ASN B 109 -1.07 21.58 -18.36
N PHE B 110 -0.07 20.96 -17.72
CA PHE B 110 0.77 21.58 -16.68
C PHE B 110 2.11 20.86 -16.51
N VAL B 111 3.11 21.54 -15.91
CA VAL B 111 4.39 20.95 -15.54
C VAL B 111 4.73 21.49 -14.16
N ILE B 112 4.83 20.63 -13.14
CA ILE B 112 5.21 21.07 -11.80
C ILE B 112 6.73 20.97 -11.70
N HIS B 113 7.42 22.10 -11.66
CA HIS B 113 8.89 22.10 -11.54
C HIS B 113 9.36 22.13 -10.08
N ARG B 114 8.55 22.67 -9.17
N ARG B 114 8.55 22.67 -9.18
CA ARG B 114 8.94 22.79 -7.77
CA ARG B 114 8.91 22.79 -7.77
C ARG B 114 8.00 21.99 -6.90
C ARG B 114 7.98 21.98 -6.90
N LEU B 115 8.53 20.96 -6.26
N LEU B 115 8.52 20.97 -6.26
CA LEU B 115 7.76 20.12 -5.36
CA LEU B 115 7.76 20.11 -5.36
C LEU B 115 8.48 19.97 -4.03
C LEU B 115 8.48 19.97 -4.03
N GLY B 116 9.81 19.85 -4.08
CA GLY B 116 10.67 19.71 -2.90
C GLY B 116 10.34 20.61 -1.73
N ASP B 117 10.12 21.93 -1.97
CA ASP B 117 9.77 22.87 -0.92
C ASP B 117 8.49 22.47 -0.20
N LEU B 118 7.46 22.05 -0.94
CA LEU B 118 6.19 21.65 -0.38
C LEU B 118 6.34 20.40 0.50
N LEU B 119 7.18 19.43 0.08
CA LEU B 119 7.40 18.21 0.84
C LEU B 119 8.23 18.49 2.11
N ILE B 120 9.21 19.42 2.01
CA ILE B 120 9.98 19.83 3.19
C ILE B 120 9.06 20.53 4.20
N SER B 121 8.11 21.36 3.75
CA SER B 121 7.20 22.03 4.68
CA SER B 121 7.19 22.04 4.66
C SER B 121 6.30 21.02 5.38
N GLN B 122 5.65 20.13 4.61
CA GLN B 122 4.77 19.06 5.09
C GLN B 122 5.46 18.12 6.06
N PHE B 123 6.74 17.77 5.81
CA PHE B 123 7.43 16.80 6.65
C PHE B 123 8.49 17.39 7.59
N SER B 124 8.33 18.65 7.98
CA SER B 124 9.22 19.33 8.94
C SER B 124 8.37 20.14 9.97
N GLY B 125 8.97 20.45 11.13
CA GLY B 125 8.36 21.25 12.18
C GLY B 125 7.00 20.80 12.68
N PRO B 126 6.21 21.73 13.23
CA PRO B 126 4.89 21.37 13.78
C PRO B 126 4.04 20.38 12.98
N SER B 127 3.88 20.58 11.66
CA SER B 127 3.07 19.67 10.84
C SER B 127 3.58 18.24 10.89
N ALA B 128 4.90 18.06 10.83
CA ALA B 128 5.51 16.74 10.92
C ALA B 128 5.36 16.17 12.32
N GLU B 129 5.45 17.02 13.35
CA GLU B 129 5.29 16.53 14.72
C GLU B 129 3.86 16.00 14.94
N GLN B 130 2.86 16.72 14.45
CA GLN B 130 1.46 16.31 14.57
CA GLN B 130 1.45 16.32 14.55
C GLN B 130 1.22 14.98 13.84
N MET B 131 1.81 14.82 12.65
CA MET B 131 1.73 13.63 11.82
C MET B 131 2.41 12.45 12.51
N CYS B 132 3.60 12.66 13.13
CA CYS B 132 4.31 11.63 13.89
C CYS B 132 3.47 11.12 15.07
N LYS B 133 2.90 12.03 15.85
CA LYS B 133 2.08 11.67 17.00
C LYS B 133 0.75 10.98 16.54
N THR B 134 0.10 11.50 15.49
CA THR B 134 -1.14 10.90 14.98
C THR B 134 -0.92 9.47 14.44
N TYR B 135 0.17 9.22 13.68
CA TYR B 135 0.40 7.88 13.12
C TYR B 135 0.89 6.86 14.18
N SER B 136 1.55 7.35 15.25
CA SER B 136 1.95 6.47 16.35
C SER B 136 0.69 6.03 17.09
N GLU B 137 -0.27 6.95 17.27
CA GLU B 137 -1.54 6.65 17.93
CA GLU B 137 -1.53 6.60 17.94
C GLU B 137 -2.34 5.66 17.05
N PHE B 138 -2.58 6.02 15.78
CA PHE B 138 -3.34 5.19 14.86
C PHE B 138 -2.84 3.75 14.77
N CYS B 139 -1.54 3.56 14.56
CA CYS B 139 -0.99 2.23 14.38
C CYS B 139 -0.93 1.41 15.65
N SER B 140 -0.92 2.06 16.83
CA SER B 140 -0.99 1.36 18.11
C SER B 140 -2.43 0.92 18.41
N ARG B 141 -3.45 1.55 17.79
CA ARG B 141 -4.87 1.20 17.92
C ARG B 141 -5.40 0.44 16.68
N HIS B 142 -4.51 0.12 15.70
CA HIS B 142 -4.85 -0.58 14.48
C HIS B 142 -5.43 -1.94 14.78
N SER B 143 -4.65 -2.81 15.48
CA SER B 143 -5.11 -4.17 15.79
CA SER B 143 -5.11 -4.17 15.79
C SER B 143 -6.40 -4.15 16.59
N LYS B 144 -6.48 -3.28 17.62
CA LYS B 144 -7.68 -3.19 18.45
C LYS B 144 -8.92 -2.84 17.62
N ALA B 145 -8.80 -1.92 16.64
CA ALA B 145 -9.90 -1.53 15.76
C ALA B 145 -10.42 -2.72 14.98
N LEU B 146 -9.50 -3.57 14.45
CA LEU B 146 -9.84 -4.81 13.74
C LEU B 146 -10.50 -5.84 14.66
N LYS B 147 -10.00 -5.98 15.90
CA LYS B 147 -10.60 -6.96 16.84
C LYS B 147 -12.04 -6.52 17.15
N LEU B 148 -12.23 -5.21 17.39
CA LEU B 148 -13.50 -4.56 17.66
C LEU B 148 -14.53 -4.72 16.52
N TYR B 149 -14.09 -4.50 15.24
CA TYR B 149 -14.94 -4.69 14.07
C TYR B 149 -15.41 -6.15 14.01
N LYS B 150 -14.47 -7.09 14.12
CA LYS B 150 -14.79 -8.49 14.02
C LYS B 150 -15.74 -8.94 15.12
N GLU B 151 -15.52 -8.44 16.34
CA GLU B 151 -16.34 -8.76 17.49
CA GLU B 151 -16.36 -8.78 17.48
C GLU B 151 -17.80 -8.36 17.23
N LEU B 152 -18.01 -7.11 16.75
CA LEU B 152 -19.31 -6.52 16.43
C LEU B 152 -19.99 -7.18 15.22
N TYR B 153 -19.24 -7.51 14.16
CA TYR B 153 -19.83 -8.13 12.98
C TYR B 153 -20.34 -9.55 13.32
N ALA B 154 -19.61 -10.28 14.17
CA ALA B 154 -20.00 -11.61 14.56
C ALA B 154 -21.03 -11.66 15.69
N ARG B 155 -21.21 -10.57 16.45
CA ARG B 155 -22.17 -10.60 17.56
CA ARG B 155 -22.16 -10.55 17.59
C ARG B 155 -23.46 -9.79 17.28
N ASP B 156 -23.37 -8.61 16.60
CA ASP B 156 -24.56 -7.82 16.32
C ASP B 156 -25.14 -7.96 14.90
N LYS B 157 -26.40 -8.40 14.83
CA LYS B 157 -27.20 -8.59 13.60
C LYS B 157 -27.42 -7.25 12.92
N ARG B 158 -27.71 -6.21 13.70
CA ARG B 158 -27.96 -4.88 13.17
C ARG B 158 -26.69 -4.26 12.58
N PHE B 159 -25.54 -4.41 13.26
CA PHE B 159 -24.25 -3.93 12.78
C PHE B 159 -23.87 -4.67 11.48
N GLN B 160 -24.14 -5.98 11.42
CA GLN B 160 -23.89 -6.82 10.25
C GLN B 160 -24.70 -6.29 9.07
N GLN B 161 -25.99 -5.96 9.31
CA GLN B 161 -26.90 -5.44 8.30
C GLN B 161 -26.49 -4.08 7.79
N PHE B 162 -25.97 -3.24 8.68
CA PHE B 162 -25.47 -1.93 8.34
C PHE B 162 -24.28 -2.07 7.41
N ILE B 163 -23.33 -2.95 7.75
CA ILE B 163 -22.14 -3.15 6.92
C ILE B 163 -22.52 -3.64 5.52
N ARG B 164 -23.33 -4.70 5.45
CA ARG B 164 -23.77 -5.23 4.15
C ARG B 164 -24.43 -4.18 3.27
N LYS B 165 -25.21 -3.31 3.90
CA LYS B 165 -25.92 -2.23 3.24
C LYS B 165 -24.99 -1.16 2.65
N VAL B 166 -24.11 -0.55 3.47
CA VAL B 166 -23.25 0.53 3.00
C VAL B 166 -22.07 0.07 2.15
N THR B 167 -21.68 -1.20 2.24
CA THR B 167 -20.55 -1.71 1.44
C THR B 167 -20.98 -2.39 0.12
N ARG B 168 -22.31 -2.56 -0.11
CA ARG B 168 -22.89 -3.17 -1.31
C ARG B 168 -22.48 -2.48 -2.65
N PRO B 169 -22.42 -1.13 -2.75
CA PRO B 169 -22.00 -0.52 -4.03
C PRO B 169 -20.67 -1.02 -4.57
N ALA B 170 -20.59 -1.22 -5.89
CA ALA B 170 -19.38 -1.73 -6.52
C ALA B 170 -18.17 -0.83 -6.26
N VAL B 171 -18.35 0.51 -6.21
CA VAL B 171 -17.22 1.40 -5.96
C VAL B 171 -16.59 1.19 -4.57
N LEU B 172 -17.27 0.49 -3.64
CA LEU B 172 -16.76 0.20 -2.31
C LEU B 172 -16.08 -1.21 -2.19
N LYS B 173 -15.86 -1.93 -3.30
CA LYS B 173 -15.27 -3.28 -3.30
C LYS B 173 -13.95 -3.41 -2.50
N ARG B 174 -13.04 -2.42 -2.61
CA ARG B 174 -11.75 -2.42 -1.88
C ARG B 174 -11.81 -1.61 -0.59
N HIS B 175 -12.98 -1.16 -0.16
CA HIS B 175 -13.05 -0.17 0.90
C HIS B 175 -13.93 -0.48 2.09
N GLY B 176 -13.85 -1.69 2.59
CA GLY B 176 -14.55 -2.05 3.82
C GLY B 176 -13.81 -1.48 5.02
N VAL B 177 -14.37 -1.63 6.24
CA VAL B 177 -13.75 -1.09 7.45
C VAL B 177 -12.29 -1.52 7.64
N GLN B 178 -12.03 -2.85 7.61
CA GLN B 178 -10.70 -3.40 7.79
C GLN B 178 -9.71 -2.94 6.72
N GLU B 179 -10.16 -2.93 5.47
CA GLU B 179 -9.35 -2.49 4.35
C GLU B 179 -8.98 -1.02 4.49
N CYS B 180 -9.95 -0.17 4.86
CA CYS B 180 -9.71 1.27 5.04
C CYS B 180 -8.59 1.51 6.08
N ILE B 181 -8.60 0.71 7.18
CA ILE B 181 -7.62 0.81 8.25
C ILE B 181 -6.20 0.40 7.78
N LEU B 182 -6.08 -0.70 7.00
CA LEU B 182 -4.76 -1.09 6.49
C LEU B 182 -4.28 -0.12 5.40
N LEU B 183 -5.20 0.45 4.62
CA LEU B 183 -4.87 1.45 3.60
C LEU B 183 -4.21 2.66 4.21
N VAL B 184 -4.72 3.09 5.40
CA VAL B 184 -4.23 4.26 6.12
C VAL B 184 -2.85 4.01 6.74
N THR B 185 -2.65 2.82 7.35
CA THR B 185 -1.38 2.40 7.95
C THR B 185 -0.29 2.32 6.88
N GLN B 186 -0.63 1.75 5.71
CA GLN B 186 0.32 1.58 4.60
C GLN B 186 0.67 2.86 3.86
N ARG B 187 -0.16 3.93 3.94
CA ARG B 187 0.11 5.16 3.21
C ARG B 187 1.45 5.78 3.55
N ILE B 188 1.77 5.88 4.84
CA ILE B 188 2.99 6.58 5.26
C ILE B 188 4.25 5.95 4.65
N THR B 189 4.28 4.62 4.51
CA THR B 189 5.42 3.91 3.93
C THR B 189 5.45 3.99 2.38
N LYS B 190 4.47 4.66 1.74
CA LYS B 190 4.48 4.85 0.27
C LYS B 190 5.29 6.08 -0.11
N TYR B 191 5.32 7.11 0.75
CA TYR B 191 5.98 8.40 0.48
C TYR B 191 7.46 8.28 0.13
N PRO B 192 8.30 7.51 0.87
CA PRO B 192 9.72 7.41 0.46
C PRO B 192 9.87 6.78 -0.92
N LEU B 193 9.07 5.77 -1.26
CA LEU B 193 9.15 5.13 -2.58
CA LEU B 193 9.15 5.13 -2.57
C LEU B 193 8.85 6.13 -3.70
N LEU B 194 7.74 6.89 -3.59
CA LEU B 194 7.38 7.88 -4.62
C LEU B 194 8.37 9.01 -4.74
N ILE B 195 8.80 9.57 -3.60
CA ILE B 195 9.74 10.69 -3.57
C ILE B 195 11.10 10.28 -4.17
N SER B 196 11.58 9.05 -3.88
CA SER B 196 12.85 8.56 -4.41
CA SER B 196 12.87 8.60 -4.42
CA SER B 196 12.86 8.56 -4.42
C SER B 196 12.82 8.48 -5.94
N ARG B 197 11.69 8.02 -6.51
CA ARG B 197 11.56 7.89 -7.95
C ARG B 197 11.34 9.28 -8.58
N ILE B 198 10.69 10.23 -7.87
CA ILE B 198 10.58 11.62 -8.37
C ILE B 198 12.02 12.22 -8.39
N LEU B 199 12.81 11.99 -7.32
CA LEU B 199 14.18 12.48 -7.20
C LEU B 199 15.07 11.93 -8.31
N GLN B 200 14.90 10.66 -8.67
CA GLN B 200 15.62 10.00 -9.75
C GLN B 200 15.55 10.78 -11.11
N HIS B 201 14.49 11.58 -11.30
CA HIS B 201 14.31 12.35 -12.53
C HIS B 201 14.25 13.87 -12.30
N SER B 202 14.85 14.34 -11.19
CA SER B 202 14.85 15.74 -10.84
C SER B 202 16.25 16.30 -10.65
N HIS B 203 17.21 15.80 -11.43
CA HIS B 203 18.60 16.26 -11.36
C HIS B 203 18.90 17.49 -12.23
N GLY B 204 17.97 17.85 -13.11
CA GLY B 204 18.11 19.00 -14.00
C GLY B 204 18.30 20.34 -13.30
N ILE B 205 17.62 20.54 -12.16
CA ILE B 205 17.75 21.76 -11.38
CA ILE B 205 17.75 21.76 -11.38
C ILE B 205 18.28 21.35 -10.02
N GLU B 206 19.51 21.77 -9.68
CA GLU B 206 20.18 21.42 -8.43
C GLU B 206 19.39 21.78 -7.18
N GLU B 207 18.76 22.98 -7.11
CA GLU B 207 17.94 23.35 -5.94
C GLU B 207 16.82 22.31 -5.72
N GLU B 208 16.24 21.79 -6.82
CA GLU B 208 15.19 20.79 -6.75
C GLU B 208 15.74 19.45 -6.30
N ARG B 209 16.85 18.97 -6.89
CA ARG B 209 17.47 17.71 -6.47
C ARG B 209 17.81 17.72 -4.96
N GLN B 210 18.22 18.90 -4.46
CA GLN B 210 18.57 19.10 -3.07
C GLN B 210 17.35 19.15 -2.18
N ASP B 211 16.28 19.82 -2.64
CA ASP B 211 15.05 19.89 -1.86
C ASP B 211 14.41 18.52 -1.76
N LEU B 212 14.37 17.75 -2.85
CA LEU B 212 13.79 16.40 -2.83
C LEU B 212 14.62 15.43 -1.98
N THR B 213 15.94 15.65 -1.89
CA THR B 213 16.83 14.84 -1.09
C THR B 213 16.55 15.13 0.40
N THR B 214 16.37 16.41 0.76
CA THR B 214 16.06 16.78 2.15
C THR B 214 14.67 16.23 2.54
N ALA B 215 13.71 16.31 1.63
CA ALA B 215 12.37 15.80 1.86
C ALA B 215 12.41 14.31 2.12
N LEU B 216 13.21 13.55 1.33
CA LEU B 216 13.32 12.10 1.49
C LEU B 216 13.85 11.74 2.87
N GLY B 217 14.84 12.50 3.34
CA GLY B 217 15.43 12.30 4.65
C GLY B 217 14.47 12.62 5.78
N LEU B 218 13.64 13.64 5.60
CA LEU B 218 12.65 14.02 6.60
C LEU B 218 11.53 12.96 6.73
N VAL B 219 11.05 12.40 5.60
CA VAL B 219 10.03 11.36 5.61
C VAL B 219 10.57 10.09 6.31
N LYS B 220 11.86 9.76 6.11
CA LYS B 220 12.45 8.60 6.76
C LYS B 220 12.67 8.84 8.26
N GLU B 221 13.00 10.08 8.68
CA GLU B 221 13.14 10.43 10.11
CA GLU B 221 13.14 10.35 10.12
C GLU B 221 11.78 10.20 10.79
N LEU B 222 10.69 10.66 10.13
CA LEU B 222 9.31 10.55 10.60
C LEU B 222 8.94 9.07 10.69
N LEU B 223 9.15 8.29 9.61
CA LEU B 223 8.83 6.86 9.63
C LEU B 223 9.53 6.11 10.73
N SER B 224 10.82 6.40 10.94
CA SER B 224 11.57 5.77 12.01
CA SER B 224 11.58 5.79 12.01
C SER B 224 11.01 6.18 13.38
N ASN B 225 10.49 7.41 13.51
CA ASN B 225 9.89 7.91 14.76
C ASN B 225 8.51 7.26 15.06
N VAL B 226 7.69 7.06 14.01
CA VAL B 226 6.38 6.42 14.15
C VAL B 226 6.60 4.93 14.48
N ASP B 227 7.53 4.28 13.79
CA ASP B 227 7.83 2.86 14.04
C ASP B 227 8.28 2.66 15.49
N GLU B 228 9.07 3.59 16.03
CA GLU B 228 9.56 3.55 17.41
C GLU B 228 8.48 3.84 18.42
N GLY B 229 7.50 4.66 18.07
CA GLY B 229 6.42 5.02 18.98
C GLY B 229 5.28 4.02 19.07
N ILE B 230 5.30 3.00 18.23
CA ILE B 230 4.25 1.99 18.20
C ILE B 230 4.34 0.98 19.33
N TYR B 231 3.19 0.71 19.95
CA TYR B 231 2.97 -0.32 20.96
C TYR B 231 1.51 -0.75 20.86
N GLN B 232 1.28 -1.91 20.25
CA GLN B 232 -0.03 -2.49 20.04
C GLN B 232 -0.88 -2.56 21.28
N LEU B 233 -2.07 -1.98 21.22
CA LEU B 233 -3.03 -2.02 22.31
C LEU B 233 -3.85 -3.30 22.14
N GLU B 234 -4.18 -3.97 23.25
CA GLU B 234 -5.00 -5.17 23.20
C GLU B 234 -6.40 -4.86 23.71
N LYS B 235 -7.45 -5.35 23.03
CA LYS B 235 -8.82 -5.13 23.47
C LYS B 235 -9.02 -5.89 24.80
N GLY B 236 -9.10 -5.14 25.89
CA GLY B 236 -9.24 -5.75 27.21
C GLY B 236 -7.94 -6.32 27.73
N ALA B 237 -6.88 -5.49 27.75
CA ALA B 237 -5.58 -5.92 28.23
C ALA B 237 -5.48 -5.71 29.74
N ARG B 238 -4.76 -6.59 30.40
CA ARG B 238 -4.55 -6.48 31.83
C ARG B 238 -3.23 -5.77 32.09
N LEU B 239 -3.20 -4.95 33.15
CA LEU B 239 -2.01 -4.19 33.55
CA LEU B 239 -2.01 -4.19 33.53
C LEU B 239 -0.74 -5.06 33.62
N GLN B 240 -0.85 -6.26 34.20
CA GLN B 240 0.27 -7.20 34.33
C GLN B 240 0.88 -7.58 32.96
N GLU B 241 0.05 -7.67 31.92
CA GLU B 241 0.54 -8.00 30.57
C GLU B 241 1.34 -6.81 29.98
N ILE B 242 0.92 -5.60 30.32
CA ILE B 242 1.58 -4.36 29.88
C ILE B 242 2.92 -4.10 30.58
N TYR B 243 3.04 -4.38 31.90
CA TYR B 243 4.30 -4.10 32.59
C TYR B 243 5.27 -5.29 32.61
N ASN B 244 5.05 -6.31 31.76
CA ASN B 244 5.97 -7.44 31.68
C ASN B 244 6.36 -7.69 30.22
#